data_3TJH
#
_entry.id   3TJH
#
_cell.length_a   197.190
_cell.length_b   61.670
_cell.length_c   69.820
_cell.angle_alpha   90.00
_cell.angle_beta   90.00
_cell.angle_gamma   90.00
#
_symmetry.space_group_name_H-M   'P 21 21 2'
#
loop_
_entity.id
_entity.type
_entity.pdbx_description
1 polymer 'H2-Ld SBM2'
2 polymer p3A1
3 polymer '42F3 alpha'
4 polymer '42F3 beta'
5 water water
#
loop_
_entity_poly.entity_id
_entity_poly.type
_entity_poly.pdbx_seq_one_letter_code
_entity_poly.pdbx_strand_id
1 'polypeptide(L)'
;MGPHSMRYYETATSRRGLGEPRYTSVGYVDDKEFVRFDSDAENPRYEPQVPWMEQEGPEYWERITQVAKGQEQWFRVNLR
TLLGYYNQSAGGTHTLQRMYGCDVGSDGRLLRGYEQFAYDGCDYIALNEDLRTWTAADMAAQITRRKWEQAGAAEYYRAY
LEGECVEWLHRYLKNGNATL
;
A
2 'polypeptide(L)' SPLDSLWWI B
3 'polypeptide(L)'
;ADPGYLLEAQSVTQPDARVTVSEGASLQLRCKYSYSATPYLFWYVQYPRQGLQMLLKYYSGDPVVQGVNGFEAEFSKSDS
SFHLRKASVHWSDSAVYFCAVSAKGTGSKLSFGKGAKLTVSPNIQNPDPAVYQLRDSKSSDKSVCLFTDFDSQTNVSQSK
DSDVYITDKCVLDMRSMDFKSNSAVAWSNKSDFACANAFNNSIIPEDTFFPSPESSSRGGLEVLFQ
;
C
4 'polypeptide(L)'
;ADPEAAVTQSPRNKVTVTGGNVTLSCRQTNSHNYMYWYRQDTGHGLRLIHYSYGAGNLQIGDVPDGYKATRTTQEDFFLL
LELASPSQTSLYFCASSDAPGQLYFGEGSKLTVLEDLKNVFPPEVAVFEPSEAEISHTQKATLVCLATGFYPDHVELSWW
VNGKEVHSGVCTDPQPLKEQPALNDSRYALSSRLRVSATFWQNPRNHFRCQVQFYGLSENDEWTQDRAKPVTQIVSAEAW
GRADSRGGLEVLFQ
;
D
#
# COMPACT_ATOMS: atom_id res chain seq x y z
N GLY A 2 23.61 1.12 -45.36
CA GLY A 2 22.24 0.75 -45.71
C GLY A 2 21.37 0.57 -44.49
N PRO A 3 20.07 0.29 -44.71
CA PRO A 3 19.10 0.08 -43.63
C PRO A 3 19.24 -1.31 -43.02
N HIS A 4 18.80 -1.46 -41.77
CA HIS A 4 18.90 -2.74 -41.08
C HIS A 4 17.71 -2.96 -40.15
N SER A 5 17.66 -4.13 -39.52
CA SER A 5 16.57 -4.44 -38.60
C SER A 5 16.94 -5.52 -37.60
N MET A 6 16.37 -5.44 -36.41
CA MET A 6 16.46 -6.51 -35.43
C MET A 6 15.05 -6.86 -34.96
N ARG A 7 14.68 -8.12 -35.08
CA ARG A 7 13.36 -8.57 -34.66
C ARG A 7 13.41 -9.83 -33.80
N TYR A 8 12.57 -9.87 -32.78
CA TYR A 8 12.41 -11.08 -31.98
C TYR A 8 11.01 -11.63 -32.17
N TYR A 9 10.91 -12.95 -32.31
CA TYR A 9 9.61 -13.61 -32.39
C TYR A 9 9.42 -14.55 -31.21
N GLU A 10 8.45 -14.24 -30.36
CA GLU A 10 8.14 -15.08 -29.21
C GLU A 10 6.83 -15.81 -29.40
N THR A 11 6.85 -17.12 -29.17
CA THR A 11 5.65 -17.94 -29.35
C THR A 11 5.37 -18.81 -28.14
N ALA A 12 4.14 -18.74 -27.63
CA ALA A 12 3.72 -19.61 -26.54
C ALA A 12 2.57 -20.50 -27.01
N THR A 13 2.81 -21.81 -26.99
CA THR A 13 1.80 -22.77 -27.44
C THR A 13 1.47 -23.75 -26.32
N SER A 14 0.22 -23.75 -25.89
CA SER A 14 -0.24 -24.64 -24.83
C SER A 14 -0.43 -26.07 -25.33
N ARG A 15 0.12 -27.04 -24.59
CA ARG A 15 -0.07 -28.45 -24.93
C ARG A 15 -1.48 -28.91 -24.62
N ARG A 16 -1.67 -30.23 -24.59
CA ARG A 16 -2.98 -30.80 -24.33
C ARG A 16 -3.01 -31.50 -22.98
N GLY A 17 -4.08 -31.34 -22.24
CA GLY A 17 -4.07 -31.89 -20.91
C GLY A 17 -3.21 -30.99 -20.08
N LEU A 18 -2.70 -31.44 -18.97
CA LEU A 18 -2.01 -30.51 -18.11
C LEU A 18 -0.62 -30.35 -18.67
N GLY A 19 -0.59 -29.79 -19.87
CA GLY A 19 0.68 -29.56 -20.51
C GLY A 19 1.13 -28.12 -20.44
N GLU A 20 2.29 -27.93 -19.83
CA GLU A 20 2.95 -26.65 -19.77
C GLU A 20 3.26 -26.22 -21.17
N PRO A 21 3.08 -24.95 -21.46
CA PRO A 21 3.18 -24.46 -22.82
C PRO A 21 4.56 -24.56 -23.30
N ARG A 22 4.73 -24.60 -24.60
CA ARG A 22 6.07 -24.46 -25.09
C ARG A 22 6.31 -23.00 -25.45
N TYR A 23 7.37 -22.43 -24.89
CA TYR A 23 7.75 -21.07 -25.22
C TYR A 23 9.03 -21.06 -26.05
N THR A 24 8.99 -20.37 -27.17
CA THR A 24 10.16 -20.22 -28.03
C THR A 24 10.38 -18.76 -28.34
N SER A 25 11.66 -18.38 -28.45
CA SER A 25 12.01 -17.03 -28.85
C SER A 25 13.14 -17.08 -29.88
N VAL A 26 12.89 -16.50 -31.04
CA VAL A 26 13.88 -16.47 -32.10
C VAL A 26 14.21 -15.04 -32.47
N GLY A 27 15.49 -14.70 -32.43
CA GLY A 27 15.93 -13.36 -32.77
C GLY A 27 16.54 -13.30 -34.16
N TYR A 28 16.20 -12.27 -34.92
CA TYR A 28 16.72 -12.10 -36.26
C TYR A 28 17.45 -10.77 -36.40
N VAL A 29 18.53 -10.78 -37.17
CA VAL A 29 19.16 -9.55 -37.63
C VAL A 29 19.08 -9.55 -39.15
N ASP A 30 18.48 -8.49 -39.70
CA ASP A 30 18.26 -8.41 -41.14
C ASP A 30 17.58 -9.68 -41.65
N ASP A 31 16.63 -10.18 -40.86
CA ASP A 31 15.81 -11.33 -41.25
C ASP A 31 16.57 -12.65 -41.29
N LYS A 32 17.71 -12.69 -40.61
CA LYS A 32 18.47 -13.92 -40.49
C LYS A 32 18.60 -14.30 -39.02
N GLU A 33 18.11 -15.49 -38.67
CA GLU A 33 18.19 -15.96 -37.28
C GLU A 33 19.61 -15.87 -36.75
N PHE A 34 19.77 -15.29 -35.56
CA PHE A 34 21.09 -15.14 -34.96
C PHE A 34 21.12 -15.59 -33.50
N VAL A 35 19.93 -15.87 -32.94
CA VAL A 35 19.82 -16.31 -31.55
C VAL A 35 18.51 -17.06 -31.33
N ARG A 36 18.49 -17.98 -30.37
CA ARG A 36 17.30 -18.80 -30.16
C ARG A 36 17.18 -19.39 -28.75
N PHE A 37 15.93 -19.44 -28.27
CA PHE A 37 15.62 -20.06 -26.99
C PHE A 37 14.43 -20.98 -27.16
N ASP A 38 14.49 -22.15 -26.53
CA ASP A 38 13.42 -23.15 -26.68
C ASP A 38 13.18 -23.87 -25.36
N SER A 39 11.98 -23.75 -24.81
CA SER A 39 11.64 -24.34 -23.53
C SER A 39 11.74 -25.86 -23.55
N ASP A 40 11.37 -26.47 -24.67
CA ASP A 40 11.44 -27.92 -24.80
C ASP A 40 12.84 -28.46 -24.61
N ALA A 41 13.84 -27.68 -25.00
CA ALA A 41 15.22 -28.08 -24.85
C ALA A 41 15.49 -28.59 -23.43
N GLU A 42 16.50 -29.44 -23.29
CA GLU A 42 16.87 -30.00 -21.99
C GLU A 42 17.46 -28.95 -21.05
N ASN A 43 18.40 -28.17 -21.54
CA ASN A 43 18.98 -27.06 -20.78
C ASN A 43 18.63 -25.74 -21.43
N PRO A 44 17.39 -25.27 -21.22
CA PRO A 44 16.86 -24.07 -21.87
C PRO A 44 17.65 -22.81 -21.59
N ARG A 45 18.30 -22.28 -22.63
CA ARG A 45 18.88 -20.95 -22.59
C ARG A 45 19.12 -20.42 -24.01
N TYR A 46 19.28 -19.11 -24.14
CA TYR A 46 19.54 -18.52 -25.45
C TYR A 46 20.86 -19.03 -26.02
N GLU A 47 20.79 -19.59 -27.22
CA GLU A 47 21.99 -20.11 -27.88
C GLU A 47 22.25 -19.35 -29.17
N PRO A 48 23.51 -19.00 -29.42
CA PRO A 48 23.91 -18.32 -30.66
C PRO A 48 23.70 -19.25 -31.85
N GLN A 49 23.14 -18.70 -32.93
CA GLN A 49 22.86 -19.49 -34.13
C GLN A 49 23.85 -19.15 -35.25
N VAL A 50 24.77 -18.24 -34.96
CA VAL A 50 25.79 -17.85 -35.92
C VAL A 50 27.11 -17.58 -35.20
N PRO A 51 28.24 -17.95 -35.84
CA PRO A 51 29.57 -17.86 -35.23
C PRO A 51 29.95 -16.45 -34.74
N TRP A 52 29.46 -15.41 -35.40
CA TRP A 52 29.83 -14.05 -35.02
C TRP A 52 29.21 -13.60 -33.71
N MET A 53 28.30 -14.40 -33.19
CA MET A 53 27.68 -14.13 -31.89
C MET A 53 28.45 -14.77 -30.76
N GLU A 54 29.43 -15.57 -31.11
CA GLU A 54 30.22 -16.31 -30.16
C GLU A 54 30.98 -15.37 -29.29
N GLN A 55 31.20 -14.17 -29.79
CA GLN A 55 32.03 -13.20 -29.09
C GLN A 55 31.41 -12.63 -27.83
N GLU A 56 30.13 -12.89 -27.63
CA GLU A 56 29.42 -12.40 -26.46
C GLU A 56 29.75 -13.26 -25.24
N GLY A 57 30.18 -12.62 -24.17
CA GLY A 57 30.60 -13.32 -22.97
C GLY A 57 29.47 -13.97 -22.20
N PRO A 58 29.81 -14.79 -21.18
CA PRO A 58 28.85 -15.52 -20.34
C PRO A 58 27.81 -14.61 -19.69
N GLU A 59 28.23 -13.44 -19.24
CA GLU A 59 27.32 -12.50 -18.60
C GLU A 59 26.15 -12.18 -19.53
N TYR A 60 26.46 -11.91 -20.79
CA TYR A 60 25.45 -11.61 -21.80
C TYR A 60 24.45 -12.75 -21.94
N TRP A 61 24.96 -13.96 -22.14
CA TRP A 61 24.11 -15.12 -22.37
C TRP A 61 23.26 -15.46 -21.15
N GLU A 62 23.79 -15.20 -19.96
CA GLU A 62 23.03 -15.42 -18.74
C GLU A 62 21.89 -14.42 -18.65
N ARG A 63 22.20 -13.14 -18.88
CA ARG A 63 21.22 -12.07 -18.75
C ARG A 63 20.01 -12.27 -19.65
N ILE A 64 20.26 -12.50 -20.94
CA ILE A 64 19.15 -12.67 -21.89
C ILE A 64 18.39 -13.98 -21.65
N THR A 65 19.06 -14.97 -21.07
CA THR A 65 18.39 -16.22 -20.73
C THR A 65 17.38 -15.98 -19.62
N GLN A 66 17.74 -15.11 -18.68
CA GLN A 66 16.84 -14.75 -17.59
C GLN A 66 15.60 -14.09 -18.17
N VAL A 67 15.80 -13.24 -19.16
CA VAL A 67 14.69 -12.59 -19.86
C VAL A 67 13.72 -13.63 -20.40
N ALA A 68 14.27 -14.63 -21.09
CA ALA A 68 13.45 -15.71 -21.64
C ALA A 68 12.69 -16.41 -20.53
N LYS A 69 13.38 -16.67 -19.42
CA LYS A 69 12.76 -17.30 -18.27
C LYS A 69 11.54 -16.51 -17.81
N GLY A 70 11.71 -15.20 -17.67
CA GLY A 70 10.60 -14.34 -17.28
C GLY A 70 9.48 -14.36 -18.30
N GLN A 71 9.86 -14.24 -19.58
CA GLN A 71 8.89 -14.25 -20.66
C GLN A 71 8.00 -15.50 -20.66
N GLU A 72 8.60 -16.65 -20.37
CA GLU A 72 7.82 -17.89 -20.33
C GLU A 72 6.68 -17.79 -19.34
N GLN A 73 6.98 -17.30 -18.14
CA GLN A 73 5.94 -17.12 -17.12
C GLN A 73 4.92 -16.10 -17.59
N TRP A 74 5.41 -15.01 -18.16
CA TRP A 74 4.56 -13.94 -18.67
C TRP A 74 3.55 -14.48 -19.67
N PHE A 75 4.00 -15.31 -20.61
CA PHE A 75 3.13 -15.89 -21.62
C PHE A 75 2.15 -16.89 -21.01
N ARG A 76 2.59 -17.62 -19.99
CA ARG A 76 1.71 -18.54 -19.29
C ARG A 76 0.51 -17.80 -18.73
N VAL A 77 0.77 -16.67 -18.07
CA VAL A 77 -0.28 -15.83 -17.52
C VAL A 77 -1.20 -15.33 -18.64
N ASN A 78 -0.60 -14.94 -19.76
CA ASN A 78 -1.36 -14.43 -20.89
C ASN A 78 -2.29 -15.46 -21.52
N LEU A 79 -1.78 -16.68 -21.73
CA LEU A 79 -2.58 -17.75 -22.32
C LEU A 79 -3.82 -18.04 -21.49
N ARG A 80 -3.63 -18.26 -20.19
CA ARG A 80 -4.75 -18.50 -19.29
C ARG A 80 -5.74 -17.34 -19.30
N THR A 81 -5.21 -16.12 -19.44
CA THR A 81 -6.04 -14.91 -19.46
C THR A 81 -6.90 -14.83 -20.72
N LEU A 82 -6.31 -15.21 -21.85
CA LEU A 82 -7.02 -15.16 -23.13
C LEU A 82 -8.18 -16.14 -23.21
N LEU A 83 -8.01 -17.32 -22.62
CA LEU A 83 -9.10 -18.28 -22.54
C LEU A 83 -10.31 -17.62 -21.92
N GLY A 84 -10.06 -16.77 -20.93
CA GLY A 84 -11.12 -16.04 -20.26
C GLY A 84 -11.73 -14.99 -21.15
N TYR A 85 -10.89 -14.25 -21.86
CA TYR A 85 -11.37 -13.22 -22.77
C TYR A 85 -12.30 -13.78 -23.85
N TYR A 86 -11.97 -14.97 -24.36
CA TYR A 86 -12.74 -15.54 -25.46
C TYR A 86 -13.58 -16.76 -25.07
N ASN A 87 -13.72 -17.01 -23.76
CA ASN A 87 -14.52 -18.14 -23.30
C ASN A 87 -14.07 -19.47 -23.88
N GLN A 88 -12.94 -19.99 -23.40
CA GLN A 88 -12.41 -21.25 -23.90
C GLN A 88 -11.94 -22.23 -22.84
N SER A 89 -11.97 -23.50 -23.18
CA SER A 89 -11.69 -24.59 -22.28
C SER A 89 -10.23 -24.95 -22.08
N ALA A 90 -9.93 -25.44 -20.91
CA ALA A 90 -8.57 -25.67 -20.48
C ALA A 90 -7.71 -26.66 -21.27
N GLY A 91 -8.29 -27.74 -21.75
CA GLY A 91 -7.51 -28.83 -22.32
C GLY A 91 -6.81 -28.54 -23.61
N GLY A 92 -7.21 -27.44 -24.20
CA GLY A 92 -7.00 -27.16 -25.62
C GLY A 92 -5.58 -26.73 -25.93
N THR A 93 -5.34 -26.45 -27.21
CA THR A 93 -4.03 -25.99 -27.67
C THR A 93 -4.15 -24.63 -28.35
N HIS A 94 -3.49 -23.63 -27.79
CA HIS A 94 -3.55 -22.28 -28.32
C HIS A 94 -2.18 -21.62 -28.43
N THR A 95 -2.06 -20.62 -29.29
CA THR A 95 -0.78 -19.96 -29.53
C THR A 95 -0.91 -18.45 -29.46
N LEU A 96 -0.05 -17.84 -28.64
CA LEU A 96 0.09 -16.39 -28.61
C LEU A 96 1.48 -16.04 -29.11
N GLN A 97 1.56 -15.19 -30.12
CA GLN A 97 2.85 -14.78 -30.64
C GLN A 97 3.08 -13.29 -30.47
N ARG A 98 4.32 -12.93 -30.14
CA ARG A 98 4.72 -11.54 -30.01
C ARG A 98 5.85 -11.24 -30.97
N MET A 99 5.71 -10.14 -31.70
CA MET A 99 6.78 -9.68 -32.56
C MET A 99 7.15 -8.24 -32.22
N TYR A 100 8.42 -8.02 -31.93
CA TYR A 100 8.89 -6.67 -31.65
C TYR A 100 10.32 -6.49 -32.18
N GLY A 101 10.73 -5.23 -32.31
CA GLY A 101 12.05 -4.94 -32.85
C GLY A 101 12.08 -3.60 -33.55
N CYS A 102 13.18 -3.31 -34.22
CA CYS A 102 13.38 -2.00 -34.81
C CYS A 102 13.93 -2.07 -36.23
N ASP A 103 13.30 -1.31 -37.13
CA ASP A 103 13.88 -1.05 -38.43
C ASP A 103 14.69 0.22 -38.31
N VAL A 104 15.93 0.19 -38.78
CA VAL A 104 16.78 1.38 -38.75
C VAL A 104 17.16 1.80 -40.16
N GLY A 105 17.10 3.10 -40.42
CA GLY A 105 17.38 3.62 -41.75
C GLY A 105 18.87 3.72 -42.05
N SER A 106 19.18 4.11 -43.28
CA SER A 106 20.57 4.28 -43.70
C SER A 106 21.25 5.40 -42.93
N ASP A 107 20.45 6.32 -42.42
CA ASP A 107 20.98 7.43 -41.64
C ASP A 107 21.34 7.00 -40.21
N GLY A 108 20.95 5.78 -39.85
CA GLY A 108 21.24 5.24 -38.53
C GLY A 108 20.14 5.52 -37.53
N ARG A 109 19.05 6.13 -38.01
CA ARG A 109 17.92 6.47 -37.15
C ARG A 109 16.81 5.44 -37.26
N LEU A 110 15.91 5.43 -36.28
CA LEU A 110 14.78 4.49 -36.28
C LEU A 110 13.83 4.78 -37.43
N LEU A 111 13.71 3.85 -38.35
CA LEU A 111 12.65 3.88 -39.34
C LEU A 111 11.28 3.55 -38.80
N ARG A 112 11.21 2.51 -38.00
CA ARG A 112 9.97 2.10 -37.42
C ARG A 112 10.19 1.12 -36.26
N GLY A 113 9.25 1.06 -35.32
CA GLY A 113 9.37 0.19 -34.17
C GLY A 113 8.18 -0.71 -34.05
N TYR A 114 8.36 -1.93 -33.57
CA TYR A 114 7.26 -2.89 -33.51
C TYR A 114 7.08 -3.47 -32.11
N GLU A 115 5.82 -3.72 -31.78
CA GLU A 115 5.44 -4.42 -30.56
C GLU A 115 4.00 -4.87 -30.74
N GLN A 116 3.82 -6.09 -31.22
CA GLN A 116 2.50 -6.56 -31.61
C GLN A 116 2.27 -8.03 -31.27
N PHE A 117 1.01 -8.42 -31.21
CA PHE A 117 0.64 -9.78 -30.82
C PHE A 117 -0.38 -10.41 -31.76
N ALA A 118 -0.27 -11.73 -31.91
CA ALA A 118 -1.25 -12.50 -32.67
C ALA A 118 -1.68 -13.72 -31.85
N TYR A 119 -2.99 -13.94 -31.76
CA TYR A 119 -3.50 -15.08 -31.03
C TYR A 119 -4.22 -16.04 -31.97
N ASP A 120 -3.77 -17.30 -31.98
CA ASP A 120 -4.30 -18.30 -32.89
C ASP A 120 -4.31 -17.77 -34.33
N GLY A 121 -3.16 -17.33 -34.79
CA GLY A 121 -3.01 -16.88 -36.17
C GLY A 121 -3.69 -15.57 -36.50
N CYS A 122 -4.46 -15.04 -35.55
CA CYS A 122 -5.21 -13.81 -35.78
C CYS A 122 -4.56 -12.59 -35.14
N ASP A 123 -4.65 -11.45 -35.82
CA ASP A 123 -4.13 -10.21 -35.27
C ASP A 123 -4.89 -9.84 -34.00
N TYR A 124 -4.16 -9.41 -32.98
CA TYR A 124 -4.76 -9.10 -31.68
C TYR A 124 -4.61 -7.63 -31.36
N ILE A 125 -3.42 -7.22 -30.93
CA ILE A 125 -3.14 -5.82 -30.66
C ILE A 125 -1.76 -5.45 -31.20
N ALA A 126 -1.59 -4.19 -31.58
CA ALA A 126 -0.32 -3.74 -32.16
C ALA A 126 -0.02 -2.29 -31.83
N LEU A 127 1.25 -2.01 -31.52
CA LEU A 127 1.70 -0.65 -31.27
C LEU A 127 1.80 0.09 -32.60
N ASN A 128 1.12 1.24 -32.68
CA ASN A 128 1.12 2.03 -33.91
C ASN A 128 2.48 2.65 -34.19
N GLU A 129 2.67 3.12 -35.42
CA GLU A 129 3.94 3.68 -35.84
C GLU A 129 4.37 4.87 -34.98
N ASP A 130 3.40 5.56 -34.41
CA ASP A 130 3.72 6.71 -33.55
C ASP A 130 4.36 6.28 -32.24
N LEU A 131 4.35 4.98 -31.98
CA LEU A 131 4.96 4.44 -30.78
C LEU A 131 4.23 5.00 -29.58
N ARG A 132 3.01 5.46 -29.81
CA ARG A 132 2.23 6.02 -28.73
C ARG A 132 0.86 5.43 -28.56
N THR A 133 0.31 4.89 -29.64
CA THR A 133 -1.05 4.44 -29.62
C THR A 133 -1.16 3.02 -30.07
N TRP A 134 -2.20 2.35 -29.63
CA TRP A 134 -2.38 0.94 -29.94
C TRP A 134 -3.55 0.71 -30.89
N THR A 135 -3.42 -0.31 -31.75
CA THR A 135 -4.53 -0.76 -32.58
C THR A 135 -5.07 -2.09 -32.06
N ALA A 136 -6.31 -2.07 -31.59
CA ALA A 136 -6.96 -3.28 -31.10
C ALA A 136 -7.83 -3.90 -32.18
N ALA A 137 -7.58 -5.18 -32.47
CA ALA A 137 -8.26 -5.87 -33.55
C ALA A 137 -9.74 -6.14 -33.29
N ASP A 138 -10.06 -6.49 -32.05
CA ASP A 138 -11.43 -6.87 -31.71
C ASP A 138 -11.82 -6.58 -30.26
N MET A 139 -12.85 -7.27 -29.79
CA MET A 139 -13.37 -7.08 -28.44
C MET A 139 -12.34 -7.31 -27.35
N ALA A 140 -11.78 -8.51 -27.29
CA ALA A 140 -10.78 -8.85 -26.28
C ALA A 140 -9.62 -7.85 -26.33
N ALA A 141 -9.06 -7.66 -27.51
CA ALA A 141 -7.94 -6.74 -27.71
C ALA A 141 -8.23 -5.36 -27.14
N GLN A 142 -9.52 -5.00 -27.07
CA GLN A 142 -9.92 -3.72 -26.53
C GLN A 142 -9.71 -3.64 -25.02
N ILE A 143 -9.93 -4.77 -24.34
CA ILE A 143 -9.67 -4.86 -22.92
C ILE A 143 -8.19 -4.62 -22.65
N THR A 144 -7.35 -5.33 -23.39
CA THR A 144 -5.91 -5.20 -23.28
C THR A 144 -5.45 -3.77 -23.51
N ARG A 145 -5.86 -3.20 -24.64
CA ARG A 145 -5.50 -1.83 -25.00
C ARG A 145 -5.85 -0.86 -23.88
N ARG A 146 -7.06 -1.00 -23.35
CA ARG A 146 -7.51 -0.16 -22.25
C ARG A 146 -6.50 -0.20 -21.10
N LYS A 147 -6.14 -1.40 -20.67
CA LYS A 147 -5.19 -1.58 -19.58
C LYS A 147 -3.82 -0.99 -19.90
N TRP A 148 -3.38 -1.20 -21.14
CA TRP A 148 -2.06 -0.72 -21.56
C TRP A 148 -2.03 0.80 -21.73
N GLU A 149 -3.17 1.38 -22.07
CA GLU A 149 -3.29 2.84 -22.14
C GLU A 149 -3.28 3.41 -20.74
N GLN A 150 -4.07 2.79 -19.86
CA GLN A 150 -4.10 3.18 -18.45
C GLN A 150 -2.73 3.02 -17.81
N ALA A 151 -2.04 1.93 -18.14
CA ALA A 151 -0.74 1.64 -17.55
C ALA A 151 0.36 2.54 -18.09
N GLY A 152 0.13 3.10 -19.28
CA GLY A 152 1.14 3.91 -19.94
C GLY A 152 2.22 3.02 -20.53
N ALA A 153 1.80 1.87 -21.05
CA ALA A 153 2.71 0.85 -21.54
C ALA A 153 3.55 1.30 -22.74
N ALA A 154 2.94 2.11 -23.61
CA ALA A 154 3.59 2.55 -24.83
C ALA A 154 4.96 3.16 -24.57
N GLU A 155 5.05 3.99 -23.52
CA GLU A 155 6.29 4.69 -23.19
C GLU A 155 7.42 3.73 -22.85
N TYR A 156 7.08 2.64 -22.15
CA TYR A 156 8.07 1.63 -21.80
C TYR A 156 8.67 0.98 -23.04
N TYR A 157 7.81 0.57 -23.97
CA TYR A 157 8.25 -0.12 -25.16
C TYR A 157 8.94 0.82 -26.16
N ARG A 158 8.47 2.06 -26.25
CA ARG A 158 9.12 3.03 -27.10
C ARG A 158 10.53 3.34 -26.62
N ALA A 159 10.69 3.45 -25.30
CA ALA A 159 12.00 3.70 -24.71
C ALA A 159 13.01 2.66 -25.20
N TYR A 160 12.58 1.40 -25.20
CA TYR A 160 13.41 0.31 -25.70
C TYR A 160 13.68 0.47 -27.19
N LEU A 161 12.61 0.64 -27.97
CA LEU A 161 12.69 0.70 -29.42
C LEU A 161 13.58 1.83 -29.94
N GLU A 162 13.58 2.95 -29.24
CA GLU A 162 14.35 4.12 -29.67
C GLU A 162 15.78 4.09 -29.15
N GLY A 163 16.00 3.36 -28.07
CA GLY A 163 17.33 3.29 -27.47
C GLY A 163 18.02 1.94 -27.64
N GLU A 164 17.81 1.05 -26.68
CA GLU A 164 18.52 -0.22 -26.63
C GLU A 164 18.41 -1.04 -27.92
N CYS A 165 17.22 -1.11 -28.48
CA CYS A 165 17.00 -1.88 -29.71
C CYS A 165 17.95 -1.43 -30.81
N VAL A 166 18.00 -0.12 -31.05
CA VAL A 166 18.87 0.44 -32.06
C VAL A 166 20.34 0.18 -31.77
N GLU A 167 20.73 0.39 -30.51
CA GLU A 167 22.13 0.24 -30.11
C GLU A 167 22.61 -1.21 -30.22
N TRP A 168 21.78 -2.14 -29.77
CA TRP A 168 22.14 -3.56 -29.83
C TRP A 168 22.27 -4.04 -31.27
N LEU A 169 21.31 -3.65 -32.12
CA LEU A 169 21.40 -3.95 -33.54
C LEU A 169 22.73 -3.49 -34.12
N HIS A 170 23.12 -2.26 -33.76
CA HIS A 170 24.37 -1.69 -34.22
C HIS A 170 25.56 -2.52 -33.75
N ARG A 171 25.50 -2.96 -32.50
CA ARG A 171 26.55 -3.78 -31.90
C ARG A 171 26.69 -5.12 -32.61
N TYR A 172 25.55 -5.74 -32.92
CA TYR A 172 25.52 -7.01 -33.63
C TYR A 172 26.10 -6.91 -35.04
N LEU A 173 25.74 -5.83 -35.73
CA LEU A 173 26.25 -5.58 -37.08
C LEU A 173 27.76 -5.41 -37.07
N LYS A 174 28.27 -4.72 -36.07
CA LYS A 174 29.70 -4.49 -35.90
C LYS A 174 30.52 -5.78 -36.04
N ASN A 175 29.84 -6.92 -36.05
CA ASN A 175 30.49 -8.22 -36.18
C ASN A 175 30.32 -8.84 -37.56
N GLY A 176 31.19 -8.47 -38.49
CA GLY A 176 31.15 -9.03 -39.84
C GLY A 176 31.46 -7.98 -40.88
N SER B 1 19.41 -7.71 -28.11
CA SER B 1 19.09 -8.18 -26.78
C SER B 1 17.58 -8.09 -26.53
N PRO B 2 16.96 -9.19 -26.09
CA PRO B 2 15.51 -9.27 -25.92
C PRO B 2 14.98 -8.39 -24.80
N LEU B 3 13.67 -8.12 -24.82
CA LEU B 3 13.06 -7.19 -23.88
C LEU B 3 12.03 -7.88 -22.99
N ASP B 4 12.07 -7.56 -21.70
CA ASP B 4 11.06 -8.07 -20.77
C ASP B 4 9.73 -7.40 -21.04
N SER B 5 8.67 -8.19 -21.10
CA SER B 5 7.32 -7.64 -21.19
C SER B 5 6.82 -7.37 -19.79
N LEU B 6 5.99 -6.35 -19.63
CA LEU B 6 5.50 -5.99 -18.31
C LEU B 6 4.02 -6.29 -18.13
N TRP B 7 3.17 -5.32 -18.49
CA TRP B 7 1.74 -5.45 -18.31
C TRP B 7 1.14 -6.58 -19.14
N TRP B 8 0.47 -7.50 -18.47
CA TRP B 8 -0.10 -8.68 -19.11
C TRP B 8 -1.23 -8.35 -20.09
N ILE B 9 -1.59 -9.33 -20.90
CA ILE B 9 -2.74 -9.22 -21.78
C ILE B 9 -4.02 -9.10 -20.95
N ALA C 9 13.07 -20.16 -3.00
CA ALA C 9 12.90 -19.34 -1.82
C ALA C 9 13.03 -17.86 -2.18
N GLN C 10 12.33 -17.01 -1.45
CA GLN C 10 12.35 -15.58 -1.73
C GLN C 10 11.96 -14.80 -0.48
N SER C 11 12.73 -13.78 -0.15
CA SER C 11 12.45 -12.97 1.03
C SER C 11 12.99 -11.55 0.91
N VAL C 12 12.48 -10.67 1.77
CA VAL C 12 12.94 -9.30 1.84
C VAL C 12 13.17 -8.89 3.29
N THR C 13 14.31 -8.27 3.56
CA THR C 13 14.65 -7.87 4.92
C THR C 13 14.84 -6.36 5.06
N GLN C 14 13.97 -5.76 5.87
CA GLN C 14 14.16 -4.38 6.31
C GLN C 14 14.57 -4.41 7.78
N PRO C 15 15.69 -3.77 8.12
CA PRO C 15 16.29 -3.92 9.45
C PRO C 15 15.52 -3.25 10.58
N ASP C 16 14.87 -2.13 10.32
CA ASP C 16 14.23 -1.36 11.38
C ASP C 16 12.73 -1.18 11.17
N ALA C 17 11.95 -1.74 12.09
CA ALA C 17 10.49 -1.64 12.05
C ALA C 17 10.03 -0.19 12.28
N ARG C 18 10.82 0.56 13.03
CA ARG C 18 10.48 1.93 13.35
C ARG C 18 11.65 2.89 13.17
N VAL C 19 11.39 4.03 12.56
CA VAL C 19 12.43 5.03 12.32
C VAL C 19 11.87 6.43 12.56
N THR C 20 12.58 7.22 13.35
CA THR C 20 12.24 8.61 13.57
C THR C 20 13.35 9.51 13.07
N VAL C 21 12.99 10.53 12.30
CA VAL C 21 13.93 11.54 11.87
C VAL C 21 13.30 12.91 11.98
N SER C 22 14.13 13.92 12.17
CA SER C 22 13.66 15.29 12.25
C SER C 22 13.35 15.82 10.86
N GLU C 23 12.30 16.63 10.75
CA GLU C 23 11.94 17.24 9.48
C GLU C 23 13.14 18.00 8.92
N GLY C 24 13.38 17.83 7.63
CA GLY C 24 14.48 18.51 6.96
C GLY C 24 15.74 17.65 6.87
N ALA C 25 15.79 16.58 7.66
CA ALA C 25 16.94 15.68 7.66
C ALA C 25 16.86 14.73 6.48
N SER C 26 17.99 14.10 6.15
CA SER C 26 18.01 13.13 5.05
C SER C 26 17.48 11.78 5.51
N LEU C 27 17.06 10.96 4.56
CA LEU C 27 16.50 9.66 4.88
C LEU C 27 17.13 8.54 4.08
N GLN C 28 17.51 7.48 4.77
CA GLN C 28 17.80 6.20 4.13
C GLN C 28 16.97 5.10 4.78
N LEU C 29 16.26 4.34 3.96
CA LEU C 29 15.56 3.16 4.42
C LEU C 29 16.17 1.96 3.72
N ARG C 30 16.72 1.04 4.50
CA ARG C 30 17.50 -0.07 3.96
C ARG C 30 16.61 -1.26 3.58
N CYS C 31 17.03 -1.99 2.55
CA CYS C 31 16.33 -3.19 2.11
C CYS C 31 17.29 -4.20 1.52
N LYS C 32 17.25 -5.41 2.05
CA LYS C 32 18.00 -6.53 1.51
C LYS C 32 17.00 -7.58 1.06
N TYR C 33 17.31 -8.28 -0.03
CA TYR C 33 16.46 -9.35 -0.49
C TYR C 33 17.27 -10.58 -0.78
N SER C 34 16.62 -11.74 -0.73
CA SER C 34 17.22 -12.99 -1.16
C SER C 34 16.36 -13.62 -2.23
N TYR C 35 16.91 -13.71 -3.44
CA TYR C 35 16.20 -14.35 -4.54
C TYR C 35 17.22 -14.86 -5.55
N SER C 36 17.00 -16.08 -6.04
CA SER C 36 17.98 -16.77 -6.87
C SER C 36 18.05 -16.25 -8.30
N ALA C 37 16.98 -15.62 -8.77
CA ALA C 37 16.94 -15.11 -10.14
C ALA C 37 16.98 -13.58 -10.17
N THR C 38 16.96 -13.03 -11.38
CA THR C 38 16.97 -11.58 -11.57
C THR C 38 15.58 -11.01 -11.30
N PRO C 39 15.49 -10.07 -10.35
CA PRO C 39 14.18 -9.62 -9.86
C PRO C 39 13.77 -8.24 -10.34
N TYR C 40 12.49 -7.93 -10.14
CA TYR C 40 12.01 -6.55 -10.17
C TYR C 40 11.99 -6.10 -8.71
N LEU C 41 12.31 -4.83 -8.48
CA LEU C 41 12.33 -4.31 -7.12
C LEU C 41 11.42 -3.10 -6.97
N PHE C 42 10.80 -2.99 -5.80
CA PHE C 42 9.83 -1.91 -5.57
C PHE C 42 9.91 -1.36 -4.16
N TRP C 43 9.51 -0.10 -4.03
CA TRP C 43 9.18 0.46 -2.73
C TRP C 43 7.71 0.85 -2.77
N TYR C 44 6.98 0.47 -1.74
CA TYR C 44 5.59 0.89 -1.59
C TYR C 44 5.50 1.81 -0.38
N VAL C 45 4.51 2.69 -0.38
CA VAL C 45 4.27 3.54 0.78
C VAL C 45 2.83 3.44 1.24
N GLN C 46 2.64 3.40 2.55
CA GLN C 46 1.30 3.35 3.11
C GLN C 46 1.08 4.51 4.06
N TYR C 47 0.35 5.52 3.58
CA TYR C 47 0.02 6.67 4.41
C TYR C 47 -1.08 6.30 5.38
N PRO C 48 -1.14 7.00 6.52
CA PRO C 48 -2.08 6.65 7.59
C PRO C 48 -3.50 6.33 7.10
N ARG C 49 -4.02 5.17 7.50
CA ARG C 49 -5.40 4.80 7.22
C ARG C 49 -5.69 4.51 5.75
N GLN C 50 -4.62 4.27 4.98
CA GLN C 50 -4.76 3.92 3.57
C GLN C 50 -4.10 2.58 3.29
N GLY C 51 -4.26 2.08 2.07
CA GLY C 51 -3.55 0.88 1.65
C GLY C 51 -2.19 1.25 1.11
N LEU C 52 -1.44 0.26 0.66
CA LEU C 52 -0.12 0.50 0.07
C LEU C 52 -0.26 1.07 -1.34
N GLN C 53 0.79 1.75 -1.79
CA GLN C 53 0.84 2.25 -3.17
C GLN C 53 2.29 2.32 -3.64
N MET C 54 2.51 2.02 -4.91
CA MET C 54 3.86 2.02 -5.47
C MET C 54 4.52 3.38 -5.39
N LEU C 55 5.77 3.40 -4.93
CA LEU C 55 6.54 4.63 -4.79
C LEU C 55 7.72 4.59 -5.76
N LEU C 56 8.40 3.45 -5.80
CA LEU C 56 9.56 3.29 -6.68
C LEU C 56 9.51 1.94 -7.39
N LYS C 57 9.91 1.93 -8.66
CA LYS C 57 9.97 0.70 -9.45
C LYS C 57 11.32 0.55 -10.13
N TYR C 58 11.90 -0.64 -10.04
CA TYR C 58 13.09 -0.98 -10.80
C TYR C 58 12.84 -2.19 -11.69
N TYR C 59 13.10 -2.01 -12.99
CA TYR C 59 12.95 -3.07 -13.97
C TYR C 59 14.31 -3.62 -14.40
N SER C 60 15.15 -2.71 -14.87
CA SER C 60 16.48 -3.06 -15.39
C SER C 60 17.19 -1.80 -15.88
N GLY C 61 18.47 -1.95 -16.22
CA GLY C 61 19.24 -0.84 -16.75
C GLY C 61 19.93 -0.02 -15.67
N ASP C 62 19.61 1.27 -15.62
CA ASP C 62 20.16 2.15 -14.60
C ASP C 62 19.80 1.63 -13.20
N PRO C 63 20.80 1.39 -12.36
CA PRO C 63 20.57 0.88 -11.00
C PRO C 63 19.82 1.87 -10.12
N VAL C 64 19.94 3.16 -10.42
CA VAL C 64 19.23 4.18 -9.65
C VAL C 64 17.88 4.52 -10.29
N VAL C 65 16.81 4.35 -9.52
CA VAL C 65 15.47 4.70 -9.98
C VAL C 65 14.92 5.86 -9.18
N GLN C 66 14.05 6.65 -9.81
CA GLN C 66 13.54 7.87 -9.19
C GLN C 66 12.03 7.87 -9.09
N GLY C 67 11.50 8.61 -8.12
CA GLY C 67 10.07 8.69 -7.92
C GLY C 67 9.63 10.11 -7.62
N VAL C 68 8.36 10.26 -7.25
CA VAL C 68 7.84 11.57 -6.91
C VAL C 68 8.47 12.10 -5.63
N ASN C 69 8.48 13.41 -5.47
CA ASN C 69 8.93 14.05 -4.24
C ASN C 69 10.35 13.71 -3.81
N GLY C 70 11.24 13.54 -4.78
CA GLY C 70 12.65 13.37 -4.50
C GLY C 70 13.06 12.01 -3.94
N PHE C 71 12.15 11.05 -4.03
CA PHE C 71 12.45 9.68 -3.60
C PHE C 71 13.25 8.95 -4.66
N GLU C 72 14.18 8.12 -4.21
CA GLU C 72 14.90 7.25 -5.12
C GLU C 72 15.43 6.02 -4.39
N ALA C 73 15.73 4.98 -5.15
CA ALA C 73 16.30 3.76 -4.61
C ALA C 73 17.44 3.33 -5.52
N GLU C 74 18.39 2.58 -4.97
CA GLU C 74 19.49 2.08 -5.79
C GLU C 74 19.60 0.57 -5.74
N PHE C 75 19.53 -0.06 -6.90
CA PHE C 75 19.71 -1.49 -7.00
C PHE C 75 21.19 -1.85 -6.99
N SER C 76 21.57 -2.74 -6.08
CA SER C 76 22.93 -3.25 -6.04
C SER C 76 22.91 -4.76 -6.16
N LYS C 77 23.27 -5.27 -7.35
CA LYS C 77 23.30 -6.70 -7.59
C LYS C 77 24.31 -7.38 -6.69
N SER C 78 25.45 -6.72 -6.46
CA SER C 78 26.52 -7.29 -5.63
C SER C 78 26.09 -7.50 -4.18
N ASP C 79 25.25 -6.61 -3.67
CA ASP C 79 24.85 -6.65 -2.26
C ASP C 79 23.42 -7.15 -2.07
N SER C 80 22.72 -7.38 -3.17
CA SER C 80 21.31 -7.73 -3.10
C SER C 80 20.55 -6.73 -2.26
N SER C 81 20.79 -5.45 -2.54
CA SER C 81 20.16 -4.36 -1.80
C SER C 81 19.37 -3.43 -2.70
N PHE C 82 18.42 -2.74 -2.11
CA PHE C 82 17.58 -1.78 -2.83
C PHE C 82 17.19 -0.67 -1.87
N HIS C 83 18.20 -0.03 -1.30
CA HIS C 83 18.01 1.00 -0.29
C HIS C 83 17.29 2.22 -0.84
N LEU C 84 16.36 2.76 -0.07
CA LEU C 84 15.64 3.97 -0.43
C LEU C 84 16.32 5.18 0.19
N ARG C 85 16.25 6.31 -0.48
CA ARG C 85 16.80 7.55 0.05
C ARG C 85 16.04 8.79 -0.40
N LYS C 86 16.13 9.84 0.42
CA LYS C 86 15.54 11.14 0.11
C LYS C 86 16.37 12.22 0.79
N ALA C 87 16.68 13.28 0.04
CA ALA C 87 17.57 14.33 0.53
C ALA C 87 17.04 15.04 1.78
N SER C 88 15.75 15.34 1.77
CA SER C 88 15.14 16.06 2.88
C SER C 88 13.68 15.65 3.06
N VAL C 89 13.38 15.04 4.20
CA VAL C 89 12.04 14.55 4.47
C VAL C 89 11.21 15.60 5.20
N HIS C 90 9.90 15.50 5.06
CA HIS C 90 8.98 16.42 5.71
C HIS C 90 7.89 15.66 6.45
N TRP C 91 7.13 16.37 7.27
CA TRP C 91 6.10 15.77 8.09
C TRP C 91 5.17 14.85 7.30
N SER C 92 4.85 15.26 6.07
CA SER C 92 3.92 14.52 5.24
C SER C 92 4.50 13.19 4.75
N ASP C 93 5.77 12.96 5.02
CA ASP C 93 6.42 11.70 4.62
C ASP C 93 6.21 10.63 5.69
N SER C 94 5.65 11.03 6.82
CA SER C 94 5.34 10.07 7.89
C SER C 94 4.41 9.00 7.34
N ALA C 95 4.91 7.76 7.32
CA ALA C 95 4.16 6.64 6.76
C ALA C 95 4.91 5.34 6.99
N VAL C 96 4.33 4.25 6.52
CA VAL C 96 5.01 2.96 6.57
C VAL C 96 5.52 2.60 5.19
N TYR C 97 6.81 2.32 5.08
CA TYR C 97 7.43 2.02 3.79
C TYR C 97 7.78 0.54 3.66
N PHE C 98 7.33 -0.07 2.58
CA PHE C 98 7.58 -1.48 2.33
C PHE C 98 8.50 -1.69 1.13
N CYS C 99 9.54 -2.49 1.32
CA CYS C 99 10.36 -2.92 0.19
C CYS C 99 9.75 -4.21 -0.35
N ALA C 100 9.94 -4.46 -1.65
CA ALA C 100 9.35 -5.64 -2.26
C ALA C 100 10.18 -6.15 -3.43
N VAL C 101 10.23 -7.48 -3.56
CA VAL C 101 10.93 -8.12 -4.66
C VAL C 101 9.98 -9.04 -5.40
N SER C 102 10.09 -9.09 -6.73
CA SER C 102 9.22 -9.94 -7.52
C SER C 102 9.99 -10.68 -8.61
N ALA C 103 9.57 -11.89 -8.92
CA ALA C 103 10.06 -12.59 -10.07
C ALA C 103 9.56 -11.87 -11.30
N LYS C 104 10.29 -11.93 -12.38
CA LYS C 104 9.81 -11.39 -13.62
C LYS C 104 8.73 -12.26 -14.21
N GLY C 105 7.88 -11.69 -15.03
CA GLY C 105 6.89 -12.46 -15.72
C GLY C 105 5.68 -12.89 -14.93
N THR C 106 5.86 -13.34 -13.69
CA THR C 106 4.69 -13.80 -12.96
C THR C 106 4.26 -12.87 -11.82
N GLY C 107 3.06 -13.09 -11.31
CA GLY C 107 2.59 -12.39 -10.13
C GLY C 107 2.54 -13.33 -8.95
N SER C 108 3.00 -14.55 -9.20
CA SER C 108 2.95 -15.63 -8.19
C SER C 108 4.22 -15.71 -7.36
N LYS C 109 5.15 -14.78 -7.59
CA LYS C 109 6.42 -14.79 -6.87
C LYS C 109 6.80 -13.42 -6.32
N LEU C 110 5.97 -12.89 -5.44
CA LEU C 110 6.17 -11.57 -4.86
C LEU C 110 6.31 -11.63 -3.34
N SER C 111 7.31 -10.93 -2.82
CA SER C 111 7.53 -10.88 -1.38
C SER C 111 7.69 -9.44 -0.88
N PHE C 112 6.94 -9.09 0.16
CA PHE C 112 7.06 -7.78 0.79
C PHE C 112 7.96 -7.88 2.00
N GLY C 113 8.64 -6.79 2.33
CA GLY C 113 9.38 -6.71 3.57
C GLY C 113 8.44 -6.47 4.72
N LYS C 114 8.96 -6.49 5.94
CA LYS C 114 8.16 -6.25 7.12
C LYS C 114 7.65 -4.83 7.18
N GLY C 115 8.29 -3.93 6.42
CA GLY C 115 7.91 -2.53 6.42
C GLY C 115 8.63 -1.73 7.50
N ALA C 116 8.77 -0.43 7.25
CA ALA C 116 9.41 0.48 8.22
C ALA C 116 8.51 1.68 8.45
N LYS C 117 8.06 1.85 9.69
CA LYS C 117 7.21 2.99 10.04
C LYS C 117 8.06 4.23 10.29
N LEU C 118 8.01 5.18 9.36
CA LEU C 118 8.78 6.41 9.48
C LEU C 118 7.98 7.50 10.19
N THR C 119 8.53 8.02 11.27
CA THR C 119 7.96 9.17 11.95
C THR C 119 8.84 10.38 11.71
N VAL C 120 8.29 11.41 11.09
CA VAL C 120 9.04 12.65 10.85
C VAL C 120 8.56 13.74 11.79
N SER C 121 9.41 14.11 12.74
CA SER C 121 9.07 15.13 13.72
C SER C 121 9.08 16.51 13.09
N PRO C 122 7.96 17.19 13.15
CA PRO C 122 7.86 18.53 12.59
C PRO C 122 8.74 19.49 13.35
N ASN C 123 9.25 20.45 12.61
CA ASN C 123 10.06 21.49 13.18
C ASN C 123 9.13 22.54 13.71
N ILE C 124 9.16 22.71 14.99
CA ILE C 124 8.30 23.63 15.72
C ILE C 124 9.04 24.97 15.87
N GLN C 125 8.80 25.87 14.92
CA GLN C 125 9.53 27.13 14.85
C GLN C 125 9.49 27.90 16.16
N ASN C 126 8.29 28.10 16.68
CA ASN C 126 8.12 28.89 17.90
C ASN C 126 7.55 28.09 19.05
N PRO C 127 8.37 27.23 19.66
CA PRO C 127 7.91 26.46 20.82
C PRO C 127 7.32 27.37 21.89
N ASP C 128 6.29 26.88 22.57
CA ASP C 128 5.61 27.63 23.61
C ASP C 128 5.00 26.65 24.61
N PRO C 129 5.82 25.74 25.14
CA PRO C 129 5.34 24.62 25.97
C PRO C 129 4.47 25.10 27.13
N ALA C 130 3.34 24.43 27.31
CA ALA C 130 2.41 24.81 28.37
C ALA C 130 1.54 23.62 28.77
N VAL C 131 1.04 23.65 29.99
CA VAL C 131 0.09 22.66 30.47
C VAL C 131 -1.20 23.36 30.89
N TYR C 132 -2.25 23.18 30.09
CA TYR C 132 -3.52 23.84 30.36
C TYR C 132 -4.54 22.89 30.96
N GLN C 133 -5.50 23.46 31.68
CA GLN C 133 -6.63 22.70 32.19
C GLN C 133 -7.89 23.01 31.38
N LEU C 134 -8.56 21.96 30.93
CA LEU C 134 -9.82 22.11 30.22
C LEU C 134 -10.99 21.68 31.10
N ARG C 135 -12.09 22.42 31.02
CA ARG C 135 -13.31 22.06 31.73
C ARG C 135 -14.17 21.16 30.85
N ASP C 136 -14.89 20.22 31.46
CA ASP C 136 -15.87 19.43 30.73
C ASP C 136 -17.04 20.31 30.32
N SER C 137 -17.62 20.02 29.16
CA SER C 137 -18.74 20.82 28.67
C SER C 137 -20.08 20.29 29.19
N LYS C 138 -20.36 19.01 28.92
CA LYS C 138 -21.59 18.39 29.39
C LYS C 138 -21.62 18.27 30.92
N LYS C 142 -16.00 17.33 35.12
CA LYS C 142 -14.94 16.44 34.75
C LYS C 142 -13.90 17.22 33.99
N SER C 143 -12.61 16.85 34.10
CA SER C 143 -11.56 17.72 33.59
C SER C 143 -10.35 16.97 33.03
N VAL C 144 -9.75 17.57 32.00
CA VAL C 144 -8.58 17.00 31.34
C VAL C 144 -7.42 18.00 31.35
N CYS C 145 -6.20 17.50 31.28
CA CYS C 145 -5.03 18.37 31.19
C CYS C 145 -4.42 18.29 29.80
N LEU C 146 -3.97 19.43 29.27
CA LEU C 146 -3.41 19.46 27.92
C LEU C 146 -2.00 20.02 27.88
N PHE C 147 -1.03 19.13 27.66
CA PHE C 147 0.35 19.52 27.45
C PHE C 147 0.53 19.81 25.95
N THR C 148 0.88 21.03 25.61
CA THR C 148 0.90 21.44 24.21
C THR C 148 2.01 22.42 23.83
N ASP C 149 2.27 22.52 22.53
CA ASP C 149 3.18 23.52 21.96
C ASP C 149 4.66 23.30 22.27
N PHE C 150 5.01 22.09 22.70
CA PHE C 150 6.41 21.78 22.95
C PHE C 150 7.10 21.37 21.65
N ASP C 151 8.43 21.42 21.67
CA ASP C 151 9.26 21.04 20.55
C ASP C 151 9.18 19.53 20.33
N SER C 152 9.54 19.10 19.14
CA SER C 152 9.41 17.71 18.73
C SER C 152 10.22 16.81 19.65
N GLN C 153 11.38 17.30 20.10
CA GLN C 153 12.29 16.48 20.90
C GLN C 153 11.66 15.98 22.20
N THR C 154 10.88 16.81 22.89
CA THR C 154 10.24 16.36 24.11
C THR C 154 9.50 15.05 23.85
N ASN C 155 9.65 14.10 24.76
CA ASN C 155 8.89 12.86 24.72
C ASN C 155 7.95 12.77 25.92
N VAL C 156 6.77 12.21 25.70
CA VAL C 156 5.79 12.05 26.77
C VAL C 156 5.82 10.64 27.33
N SER C 157 6.01 10.54 28.65
CA SER C 157 6.07 9.24 29.31
C SER C 157 4.69 8.86 29.84
N GLN C 158 4.50 7.57 30.09
CA GLN C 158 3.28 7.12 30.74
C GLN C 158 3.31 7.47 32.22
N SER C 159 2.13 7.57 32.84
CA SER C 159 2.06 7.85 34.27
C SER C 159 2.44 6.60 35.06
N LYS C 160 3.05 6.80 36.22
CA LYS C 160 3.32 5.69 37.13
C LYS C 160 2.14 5.53 38.07
N ASP C 161 0.94 5.76 37.52
CA ASP C 161 -0.29 5.66 38.27
C ASP C 161 -1.39 5.11 37.37
N SER C 162 -1.87 3.91 37.69
CA SER C 162 -2.84 3.22 36.85
C SER C 162 -4.13 4.00 36.62
N ASP C 163 -4.50 4.84 37.59
CA ASP C 163 -5.72 5.63 37.49
C ASP C 163 -5.50 6.96 36.77
N VAL C 164 -4.29 7.17 36.27
CA VAL C 164 -3.99 8.35 35.47
C VAL C 164 -3.68 7.97 34.03
N TYR C 165 -4.42 8.57 33.09
CA TYR C 165 -4.26 8.22 31.69
C TYR C 165 -3.55 9.33 30.92
N ILE C 166 -2.50 8.94 30.19
CA ILE C 166 -1.72 9.89 29.41
C ILE C 166 -1.55 9.35 27.99
N THR C 167 -2.02 10.11 27.00
CA THR C 167 -1.90 9.71 25.62
C THR C 167 -0.52 10.09 25.10
N ASP C 168 -0.08 9.46 24.02
CA ASP C 168 1.19 9.82 23.41
C ASP C 168 1.08 11.13 22.64
N LYS C 169 2.23 11.72 22.35
CA LYS C 169 2.33 12.95 21.56
C LYS C 169 1.49 12.84 20.28
N CYS C 170 0.89 13.95 19.87
CA CYS C 170 0.08 14.00 18.66
C CYS C 170 0.30 15.32 17.93
N VAL C 171 0.49 15.25 16.62
CA VAL C 171 0.73 16.44 15.81
C VAL C 171 -0.51 16.85 15.03
N LEU C 172 -0.99 18.07 15.29
CA LEU C 172 -2.10 18.62 14.52
C LEU C 172 -1.63 19.75 13.63
N ASP C 173 -2.30 19.95 12.50
CA ASP C 173 -1.88 20.94 11.53
C ASP C 173 -3.01 21.88 11.13
N MET C 174 -2.92 23.12 11.59
CA MET C 174 -3.86 24.17 11.18
C MET C 174 -3.42 24.73 9.83
N ARG C 175 -3.94 24.10 8.80
CA ARG C 175 -3.47 24.21 7.45
C ARG C 175 -3.61 25.60 6.91
N SER C 176 -4.64 26.30 7.33
CA SER C 176 -4.87 27.62 6.82
C SER C 176 -3.68 28.44 7.26
N MET C 177 -3.34 28.23 8.51
CA MET C 177 -2.47 29.05 9.29
C MET C 177 -1.00 28.68 9.14
N ASP C 178 -0.72 27.62 8.39
CA ASP C 178 0.63 27.07 8.23
C ASP C 178 1.30 26.85 9.59
N PHE C 179 0.61 26.25 10.52
CA PHE C 179 1.02 26.14 11.90
C PHE C 179 0.76 24.74 12.43
N LYS C 180 1.81 24.10 12.95
CA LYS C 180 1.69 22.77 13.53
C LYS C 180 2.01 22.83 15.02
N SER C 181 1.50 21.86 15.78
CA SER C 181 1.78 21.81 17.21
C SER C 181 1.67 20.40 17.79
N ASN C 182 2.52 20.11 18.77
CA ASN C 182 2.48 18.85 19.50
C ASN C 182 1.56 18.97 20.70
N SER C 183 0.92 17.86 21.07
CA SER C 183 0.09 17.83 22.27
C SER C 183 -0.11 16.42 22.79
N ALA C 184 -0.21 16.31 24.11
CA ALA C 184 -0.58 15.07 24.77
C ALA C 184 -1.66 15.38 25.78
N VAL C 185 -2.56 14.42 26.00
CA VAL C 185 -3.66 14.64 26.92
C VAL C 185 -3.54 13.74 28.15
N ALA C 186 -3.88 14.29 29.31
CA ALA C 186 -3.93 13.53 30.55
C ALA C 186 -5.26 13.76 31.23
N TRP C 187 -5.83 12.71 31.81
CA TRP C 187 -7.08 12.82 32.54
C TRP C 187 -7.15 11.74 33.62
N SER C 188 -8.03 11.96 34.59
CA SER C 188 -8.17 11.01 35.68
C SER C 188 -9.53 11.14 36.36
N ASN C 189 -10.10 9.99 36.71
CA ASN C 189 -11.35 9.94 37.44
C ASN C 189 -11.13 10.36 38.89
N LYS C 190 -9.93 10.05 39.39
CA LYS C 190 -9.61 10.24 40.80
C LYS C 190 -9.63 11.70 41.22
N SER C 191 -10.14 11.96 42.42
CA SER C 191 -10.14 13.28 43.00
C SER C 191 -8.72 13.70 43.35
N ASP C 192 -8.44 14.99 43.25
CA ASP C 192 -7.13 15.54 43.60
C ASP C 192 -6.11 15.44 42.47
N PHE C 193 -6.53 14.96 41.30
CA PHE C 193 -5.66 14.97 40.14
C PHE C 193 -5.43 16.40 39.71
N ALA C 194 -4.18 16.77 39.53
CA ALA C 194 -3.80 18.15 39.20
C ALA C 194 -2.93 18.30 37.96
N CYS C 195 -3.09 19.38 37.22
CA CYS C 195 -2.39 19.52 35.95
C CYS C 195 -0.92 19.86 36.22
N ALA C 196 -0.66 20.41 37.40
CA ALA C 196 0.70 20.74 37.81
C ALA C 196 1.56 19.49 37.89
N ASN C 197 0.96 18.40 38.34
CA ASN C 197 1.68 17.14 38.49
C ASN C 197 1.24 16.07 37.49
N ALA C 198 0.32 16.44 36.60
CA ALA C 198 -0.21 15.52 35.61
C ALA C 198 0.90 14.78 34.86
N PHE C 199 1.85 15.53 34.30
CA PHE C 199 2.94 14.94 33.55
C PHE C 199 4.18 14.84 34.43
N ASN C 200 3.96 14.52 35.70
CA ASN C 200 5.03 14.49 36.69
C ASN C 200 6.27 13.74 36.26
N ASN C 201 6.09 12.52 35.75
CA ASN C 201 7.23 11.70 35.37
C ASN C 201 7.53 11.70 33.87
N SER C 202 7.27 12.84 33.23
CA SER C 202 7.80 13.11 31.90
C SER C 202 8.89 14.15 32.08
N ILE C 203 9.87 14.14 31.18
CA ILE C 203 10.89 15.17 31.20
C ILE C 203 10.45 16.33 30.31
N ILE C 204 9.98 17.40 30.94
CA ILE C 204 9.42 18.54 30.23
C ILE C 204 10.32 19.76 30.37
N PRO C 205 10.26 20.68 29.39
CA PRO C 205 11.11 21.88 29.41
C PRO C 205 10.94 22.65 30.72
N GLU C 206 12.04 23.18 31.24
CA GLU C 206 12.01 23.93 32.48
C GLU C 206 11.19 25.21 32.34
N ASP C 207 10.97 25.63 31.10
CA ASP C 207 10.24 26.86 30.82
C ASP C 207 8.77 26.60 30.51
N THR C 208 8.30 25.41 30.83
CA THR C 208 6.91 25.06 30.60
C THR C 208 5.97 25.98 31.38
N PHE C 209 4.99 26.54 30.67
CA PHE C 209 4.05 27.51 31.24
C PHE C 209 2.91 26.82 31.98
N PHE C 210 2.79 27.10 33.28
CA PHE C 210 1.72 26.57 34.10
C PHE C 210 0.82 27.70 34.61
N PRO C 211 -0.28 27.97 33.89
CA PRO C 211 -1.19 29.09 34.15
C PRO C 211 -1.83 29.06 35.54
N SER C 212 -2.80 29.94 35.74
CA SER C 212 -3.55 30.06 36.99
C SER C 212 -2.75 30.79 38.07
N ALA D 5 -5.65 3.02 -8.64
CA ALA D 5 -6.30 1.92 -7.93
C ALA D 5 -7.82 1.98 -8.05
N ALA D 6 -8.39 1.07 -8.82
CA ALA D 6 -9.84 0.92 -8.93
C ALA D 6 -10.28 -0.31 -8.16
N VAL D 7 -9.88 -0.39 -6.89
CA VAL D 7 -10.14 -1.55 -6.06
C VAL D 7 -11.03 -1.17 -4.88
N THR D 8 -12.22 -1.78 -4.80
CA THR D 8 -13.13 -1.46 -3.70
C THR D 8 -13.51 -2.69 -2.90
N GLN D 9 -13.20 -2.65 -1.60
CA GLN D 9 -13.53 -3.75 -0.70
C GLN D 9 -14.81 -3.44 0.06
N SER D 10 -15.51 -4.49 0.50
CA SER D 10 -16.74 -4.35 1.25
C SER D 10 -17.00 -5.62 2.07
N PRO D 11 -17.36 -5.45 3.36
CA PRO D 11 -17.55 -4.15 4.01
C PRO D 11 -16.24 -3.55 4.48
N ARG D 12 -16.26 -2.24 4.77
CA ARG D 12 -15.08 -1.53 5.28
C ARG D 12 -14.91 -1.82 6.76
N ASN D 13 -16.01 -2.09 7.43
CA ASN D 13 -16.00 -2.43 8.85
C ASN D 13 -16.92 -3.61 9.14
N LYS D 14 -16.44 -4.53 9.96
CA LYS D 14 -17.22 -5.73 10.29
C LYS D 14 -16.89 -6.24 11.69
N VAL D 15 -17.94 -6.54 12.45
CA VAL D 15 -17.79 -7.18 13.75
C VAL D 15 -18.62 -8.45 13.77
N THR D 16 -18.01 -9.55 14.18
CA THR D 16 -18.71 -10.83 14.25
C THR D 16 -18.30 -11.56 15.53
N VAL D 17 -19.04 -12.62 15.86
CA VAL D 17 -18.72 -13.44 17.01
C VAL D 17 -18.03 -14.71 16.54
N THR D 18 -17.21 -15.31 17.41
CA THR D 18 -16.56 -16.57 17.10
C THR D 18 -17.58 -17.55 16.53
N GLY D 19 -17.20 -18.24 15.46
CA GLY D 19 -18.08 -19.21 14.82
C GLY D 19 -18.85 -18.63 13.65
N GLY D 20 -18.94 -17.31 13.59
CA GLY D 20 -19.67 -16.65 12.52
C GLY D 20 -19.05 -16.87 11.15
N ASN D 21 -19.84 -16.67 10.11
CA ASN D 21 -19.33 -16.76 8.76
C ASN D 21 -19.20 -15.36 8.19
N VAL D 22 -17.99 -15.02 7.76
CA VAL D 22 -17.71 -13.69 7.22
C VAL D 22 -17.22 -13.74 5.77
N THR D 23 -17.84 -12.94 4.92
CA THR D 23 -17.41 -12.82 3.53
C THR D 23 -17.03 -11.40 3.19
N LEU D 24 -15.78 -11.22 2.76
CA LEU D 24 -15.31 -9.92 2.31
C LEU D 24 -15.30 -9.88 0.78
N SER D 25 -15.81 -8.81 0.21
CA SER D 25 -15.86 -8.66 -1.24
C SER D 25 -14.77 -7.73 -1.73
N CYS D 26 -14.16 -8.07 -2.85
CA CYS D 26 -13.24 -7.17 -3.53
C CYS D 26 -13.52 -7.14 -5.01
N ARG D 27 -13.83 -5.95 -5.52
CA ARG D 27 -14.04 -5.78 -6.95
C ARG D 27 -13.11 -4.74 -7.53
N GLN D 28 -12.46 -5.09 -8.64
CA GLN D 28 -11.66 -4.15 -9.40
C GLN D 28 -12.12 -4.16 -10.84
N THR D 29 -12.55 -2.99 -11.33
CA THR D 29 -13.21 -2.89 -12.62
C THR D 29 -12.26 -2.63 -13.79
N ASN D 30 -10.96 -2.68 -13.51
CA ASN D 30 -9.96 -2.52 -14.57
C ASN D 30 -9.55 -3.86 -15.16
N SER D 31 -10.19 -4.92 -14.69
CA SER D 31 -9.90 -6.28 -15.14
C SER D 31 -8.41 -6.61 -15.10
N HIS D 32 -7.78 -6.39 -13.95
CA HIS D 32 -6.40 -6.79 -13.75
C HIS D 32 -6.34 -8.32 -13.64
N ASN D 33 -5.18 -8.88 -13.98
CA ASN D 33 -5.02 -10.33 -14.02
C ASN D 33 -4.96 -10.96 -12.63
N TYR D 34 -4.07 -10.45 -11.80
CA TYR D 34 -3.87 -10.98 -10.45
C TYR D 34 -4.69 -10.24 -9.41
N MET D 35 -5.14 -10.98 -8.40
CA MET D 35 -5.76 -10.37 -7.22
C MET D 35 -5.24 -11.05 -5.96
N TYR D 36 -5.05 -10.28 -4.89
CA TYR D 36 -4.50 -10.81 -3.65
C TYR D 36 -5.34 -10.41 -2.45
N TRP D 37 -5.33 -11.25 -1.42
CA TRP D 37 -5.90 -10.87 -0.12
C TRP D 37 -4.80 -10.92 0.94
N TYR D 38 -4.60 -9.80 1.62
CA TYR D 38 -3.62 -9.70 2.69
C TYR D 38 -4.30 -9.39 4.02
N ARG D 39 -3.62 -9.72 5.11
CA ARG D 39 -4.00 -9.20 6.41
C ARG D 39 -2.81 -8.45 7.00
N GLN D 40 -3.09 -7.39 7.76
CA GLN D 40 -2.03 -6.58 8.34
C GLN D 40 -2.18 -6.49 9.85
N ASP D 41 -1.13 -6.85 10.58
CA ASP D 41 -1.16 -6.82 12.03
C ASP D 41 0.13 -6.24 12.59
N THR D 42 0.03 -5.55 13.72
CA THR D 42 1.19 -4.99 14.38
C THR D 42 2.22 -6.08 14.64
N GLY D 43 3.44 -5.90 14.11
CA GLY D 43 4.53 -6.81 14.37
C GLY D 43 4.67 -7.95 13.38
N HIS D 44 3.72 -8.05 12.45
CA HIS D 44 3.73 -9.11 11.46
C HIS D 44 3.67 -8.55 10.05
N GLY D 45 3.70 -7.22 9.94
CA GLY D 45 3.63 -6.56 8.65
C GLY D 45 2.43 -7.01 7.85
N LEU D 46 2.64 -7.21 6.55
CA LEU D 46 1.58 -7.64 5.64
C LEU D 46 1.76 -9.11 5.29
N ARG D 47 0.74 -9.92 5.53
CA ARG D 47 0.83 -11.36 5.26
C ARG D 47 -0.19 -11.86 4.23
N LEU D 48 0.32 -12.56 3.21
CA LEU D 48 -0.51 -13.05 2.12
C LEU D 48 -1.37 -14.24 2.54
N ILE D 49 -2.65 -14.19 2.21
CA ILE D 49 -3.59 -15.23 2.59
C ILE D 49 -3.93 -16.12 1.40
N HIS D 50 -4.35 -15.50 0.31
CA HIS D 50 -4.68 -16.19 -0.93
C HIS D 50 -4.49 -15.25 -2.09
N TYR D 51 -4.27 -15.80 -3.28
CA TYR D 51 -4.24 -14.99 -4.49
C TYR D 51 -4.76 -15.76 -5.70
N SER D 52 -4.91 -15.06 -6.81
CA SER D 52 -5.49 -15.62 -8.02
C SER D 52 -4.94 -14.92 -9.26
N TYR D 53 -4.68 -15.67 -10.31
CA TYR D 53 -4.20 -15.09 -11.57
C TYR D 53 -5.27 -15.07 -12.65
N GLY D 54 -6.52 -15.33 -12.26
CA GLY D 54 -7.62 -15.32 -13.21
C GLY D 54 -8.89 -15.93 -12.63
N ALA D 55 -10.00 -15.73 -13.32
CA ALA D 55 -11.28 -16.31 -12.91
C ALA D 55 -11.15 -17.82 -12.76
N GLY D 56 -11.67 -18.36 -11.66
CA GLY D 56 -11.64 -19.79 -11.44
C GLY D 56 -10.35 -20.31 -10.82
N ASN D 57 -9.30 -19.49 -10.80
CA ASN D 57 -8.03 -19.90 -10.22
C ASN D 57 -7.85 -19.43 -8.78
N LEU D 58 -7.33 -20.33 -7.94
CA LEU D 58 -7.03 -20.02 -6.56
C LEU D 58 -5.68 -20.58 -6.15
N GLN D 59 -4.88 -19.76 -5.49
CA GLN D 59 -3.58 -20.18 -4.98
C GLN D 59 -3.46 -19.79 -3.52
N ILE D 60 -3.12 -20.76 -2.67
CA ILE D 60 -2.95 -20.47 -1.26
C ILE D 60 -1.77 -19.54 -1.03
N GLY D 61 -1.93 -18.61 -0.09
CA GLY D 61 -0.86 -17.72 0.29
C GLY D 61 0.00 -18.33 1.37
N ASP D 62 0.49 -17.50 2.29
CA ASP D 62 1.36 -17.97 3.36
C ASP D 62 0.60 -18.32 4.62
N VAL D 63 -0.57 -17.70 4.81
CA VAL D 63 -1.38 -17.98 6.00
C VAL D 63 -2.85 -18.27 5.65
N PRO D 64 -3.08 -19.35 4.87
CA PRO D 64 -4.41 -19.69 4.38
C PRO D 64 -5.35 -20.28 5.44
N ASP D 65 -4.78 -20.86 6.51
CA ASP D 65 -5.58 -21.51 7.54
C ASP D 65 -6.75 -20.65 8.02
N GLY D 66 -7.96 -21.20 7.91
CA GLY D 66 -9.16 -20.52 8.36
C GLY D 66 -9.82 -19.67 7.27
N TYR D 67 -9.12 -19.54 6.14
CA TYR D 67 -9.64 -18.74 5.04
C TYR D 67 -9.88 -19.54 3.78
N LYS D 68 -10.95 -19.18 3.06
CA LYS D 68 -11.16 -19.63 1.70
C LYS D 68 -11.30 -18.39 0.82
N ALA D 69 -11.03 -18.55 -0.48
CA ALA D 69 -11.18 -17.45 -1.41
C ALA D 69 -11.78 -17.94 -2.72
N THR D 70 -12.47 -17.06 -3.43
CA THR D 70 -13.08 -17.43 -4.70
C THR D 70 -12.97 -16.30 -5.72
N ARG D 71 -12.37 -16.61 -6.86
CA ARG D 71 -12.31 -15.67 -7.97
C ARG D 71 -13.43 -16.02 -8.95
N THR D 72 -14.63 -15.53 -8.66
CA THR D 72 -15.81 -15.84 -9.47
C THR D 72 -15.70 -15.22 -10.87
N THR D 73 -15.09 -14.04 -10.93
CA THR D 73 -14.91 -13.34 -12.20
C THR D 73 -13.54 -12.70 -12.23
N GLN D 74 -13.20 -12.07 -13.36
CA GLN D 74 -11.92 -11.38 -13.48
C GLN D 74 -11.87 -10.19 -12.52
N GLU D 75 -13.04 -9.67 -12.18
CA GLU D 75 -13.12 -8.47 -11.36
C GLU D 75 -13.34 -8.77 -9.88
N ASP D 76 -13.83 -9.97 -9.57
CA ASP D 76 -14.30 -10.27 -8.22
C ASP D 76 -13.49 -11.34 -7.49
N PHE D 77 -13.04 -11.02 -6.29
CA PHE D 77 -12.24 -11.92 -5.47
C PHE D 77 -12.71 -11.89 -4.03
N PHE D 78 -13.53 -12.87 -3.65
CA PHE D 78 -14.10 -12.92 -2.31
C PHE D 78 -13.19 -13.63 -1.32
N LEU D 79 -13.15 -13.12 -0.09
CA LEU D 79 -12.44 -13.78 0.99
C LEU D 79 -13.44 -14.28 2.02
N LEU D 80 -13.37 -15.57 2.34
CA LEU D 80 -14.35 -16.20 3.22
C LEU D 80 -13.73 -16.76 4.51
N LEU D 81 -14.29 -16.34 5.62
CA LEU D 81 -13.92 -16.88 6.89
C LEU D 81 -15.02 -17.80 7.40
N GLU D 82 -14.76 -19.09 7.36
CA GLU D 82 -15.77 -20.07 7.69
C GLU D 82 -16.23 -20.18 9.13
N LEU D 83 -15.31 -20.27 10.07
CA LEU D 83 -15.72 -20.38 11.45
C LEU D 83 -14.91 -19.41 12.21
N ALA D 84 -15.18 -18.15 11.97
CA ALA D 84 -14.44 -17.02 12.51
C ALA D 84 -13.84 -17.27 13.89
N SER D 85 -12.52 -17.09 13.97
CA SER D 85 -11.83 -17.18 15.25
C SER D 85 -11.28 -15.81 15.61
N PRO D 86 -11.15 -15.52 16.91
CA PRO D 86 -10.66 -14.22 17.37
C PRO D 86 -9.31 -13.85 16.76
N SER D 87 -8.52 -14.85 16.39
CA SER D 87 -7.20 -14.61 15.82
C SER D 87 -7.29 -13.95 14.45
N GLN D 88 -8.48 -13.97 13.86
CA GLN D 88 -8.71 -13.38 12.55
C GLN D 88 -9.11 -11.92 12.66
N THR D 89 -9.14 -11.41 13.89
CA THR D 89 -9.30 -9.98 14.11
C THR D 89 -8.12 -9.27 13.47
N SER D 90 -8.38 -8.50 12.42
CA SER D 90 -7.29 -7.90 11.66
C SER D 90 -7.75 -6.81 10.69
N LEU D 91 -6.79 -6.24 9.98
CA LEU D 91 -7.06 -5.30 8.90
C LEU D 91 -6.75 -5.99 7.59
N TYR D 92 -7.77 -6.15 6.75
CA TYR D 92 -7.61 -6.91 5.51
C TYR D 92 -7.52 -6.01 4.29
N PHE D 93 -6.55 -6.29 3.43
CA PHE D 93 -6.38 -5.55 2.18
C PHE D 93 -6.50 -6.45 0.96
N CYS D 94 -7.27 -6.00 -0.01
CA CYS D 94 -7.30 -6.65 -1.31
C CYS D 94 -6.45 -5.85 -2.28
N ALA D 95 -5.79 -6.54 -3.20
CA ALA D 95 -4.97 -5.86 -4.19
C ALA D 95 -5.13 -6.49 -5.56
N SER D 96 -5.09 -5.66 -6.60
CA SER D 96 -5.10 -6.15 -7.97
C SER D 96 -3.73 -5.85 -8.58
N SER D 97 -3.41 -6.53 -9.68
CA SER D 97 -2.11 -6.35 -10.30
C SER D 97 -2.16 -6.57 -11.80
N ASP D 98 -1.62 -5.62 -12.56
CA ASP D 98 -1.65 -5.68 -14.00
C ASP D 98 -0.25 -5.91 -14.58
N ALA D 99 0.73 -6.06 -13.69
CA ALA D 99 2.11 -6.32 -14.09
C ALA D 99 2.86 -6.97 -12.93
N PRO D 100 3.87 -7.79 -13.23
CA PRO D 100 4.60 -8.55 -12.22
C PRO D 100 5.06 -7.70 -11.04
N GLY D 101 4.46 -7.94 -9.87
CA GLY D 101 4.87 -7.27 -8.65
C GLY D 101 4.31 -5.86 -8.49
N GLN D 102 3.45 -5.47 -9.43
CA GLN D 102 2.86 -4.13 -9.39
C GLN D 102 1.42 -4.19 -8.90
N LEU D 103 1.20 -3.78 -7.65
CA LEU D 103 -0.09 -3.95 -7.01
C LEU D 103 -0.82 -2.64 -6.74
N TYR D 104 -2.15 -2.70 -6.82
CA TYR D 104 -3.01 -1.57 -6.49
C TYR D 104 -3.96 -2.00 -5.37
N PHE D 105 -3.88 -1.29 -4.24
CA PHE D 105 -4.53 -1.74 -3.02
C PHE D 105 -5.91 -1.14 -2.78
N GLY D 106 -6.80 -1.94 -2.20
CA GLY D 106 -8.07 -1.45 -1.72
C GLY D 106 -7.88 -0.58 -0.51
N GLU D 107 -8.99 -0.10 0.06
CA GLU D 107 -8.93 0.83 1.17
C GLU D 107 -8.86 0.16 2.53
N GLY D 108 -9.05 -1.16 2.55
CA GLY D 108 -8.96 -1.92 3.78
C GLY D 108 -10.30 -2.26 4.41
N SER D 109 -10.37 -3.46 4.97
CA SER D 109 -11.56 -3.90 5.71
C SER D 109 -11.16 -4.28 7.13
N LYS D 110 -11.62 -3.50 8.11
CA LYS D 110 -11.31 -3.79 9.49
C LYS D 110 -12.34 -4.72 10.12
N LEU D 111 -11.85 -5.86 10.60
CA LEU D 111 -12.71 -6.88 11.20
C LEU D 111 -12.26 -7.25 12.60
N THR D 112 -13.23 -7.36 13.51
CA THR D 112 -12.98 -7.91 14.83
C THR D 112 -13.88 -9.10 15.09
N VAL D 113 -13.30 -10.22 15.51
CA VAL D 113 -14.06 -11.39 15.90
C VAL D 113 -14.14 -11.43 17.41
N LEU D 114 -15.33 -11.24 17.96
CA LEU D 114 -15.53 -11.26 19.40
C LEU D 114 -15.58 -12.68 19.91
N GLU D 115 -15.07 -12.89 21.13
CA GLU D 115 -15.14 -14.18 21.78
C GLU D 115 -16.34 -14.24 22.73
N ASP D 116 -16.61 -13.11 23.39
CA ASP D 116 -17.69 -13.02 24.36
C ASP D 116 -18.41 -11.66 24.27
N LEU D 117 -19.70 -11.70 23.96
CA LEU D 117 -20.48 -10.50 23.70
C LEU D 117 -20.65 -9.62 24.95
N LYS D 118 -20.67 -10.25 26.12
CA LYS D 118 -20.91 -9.54 27.38
C LYS D 118 -19.78 -8.57 27.73
N ASN D 119 -18.69 -8.61 26.97
CA ASN D 119 -17.60 -7.67 27.14
C ASN D 119 -17.74 -6.42 26.29
N VAL D 120 -18.79 -6.39 25.45
CA VAL D 120 -18.98 -5.30 24.50
C VAL D 120 -19.62 -4.06 25.14
N PHE D 121 -18.93 -2.94 25.02
CA PHE D 121 -19.42 -1.66 25.54
C PHE D 121 -19.19 -0.55 24.52
N PRO D 122 -20.21 0.29 24.31
CA PRO D 122 -20.03 1.47 23.46
C PRO D 122 -19.28 2.56 24.23
N PRO D 123 -18.66 3.50 23.51
CA PRO D 123 -17.90 4.54 24.19
C PRO D 123 -18.81 5.56 24.87
N GLU D 124 -18.32 6.14 25.96
CA GLU D 124 -18.89 7.37 26.48
C GLU D 124 -18.06 8.48 25.87
N VAL D 125 -18.70 9.56 25.43
CA VAL D 125 -17.99 10.63 24.74
C VAL D 125 -18.20 11.97 25.43
N ALA D 126 -17.11 12.70 25.61
CA ALA D 126 -17.17 14.01 26.25
C ALA D 126 -16.27 15.01 25.55
N VAL D 127 -16.77 16.22 25.37
CA VAL D 127 -15.98 17.31 24.81
C VAL D 127 -15.56 18.25 25.93
N PHE D 128 -14.31 18.68 25.91
CA PHE D 128 -13.79 19.60 26.91
C PHE D 128 -13.41 20.92 26.25
N GLU D 129 -14.02 22.00 26.70
CA GLU D 129 -13.83 23.31 26.10
C GLU D 129 -12.42 23.85 26.33
N PRO D 130 -11.92 24.67 25.40
CA PRO D 130 -10.57 25.24 25.49
C PRO D 130 -10.39 26.04 26.77
N SER D 131 -9.18 26.03 27.32
CA SER D 131 -8.87 26.82 28.49
C SER D 131 -8.72 28.28 28.09
N GLU D 132 -9.20 29.19 28.95
CA GLU D 132 -9.07 30.61 28.67
C GLU D 132 -7.62 31.04 28.72
N ALA D 133 -6.81 30.30 29.48
CA ALA D 133 -5.39 30.57 29.59
C ALA D 133 -4.70 30.35 28.24
N GLU D 134 -5.08 29.28 27.55
CA GLU D 134 -4.56 29.03 26.21
C GLU D 134 -5.05 30.12 25.25
N ILE D 135 -6.29 30.54 25.42
CA ILE D 135 -6.88 31.59 24.59
C ILE D 135 -6.03 32.86 24.58
N SER D 136 -5.68 33.34 25.77
CA SER D 136 -4.93 34.57 25.91
C SER D 136 -3.46 34.41 25.50
N HIS D 137 -2.86 33.31 25.91
CA HIS D 137 -1.43 33.09 25.69
C HIS D 137 -1.10 32.90 24.21
N THR D 138 -1.95 32.18 23.50
CA THR D 138 -1.64 31.75 22.13
C THR D 138 -2.56 32.34 21.07
N GLN D 139 -3.72 32.83 21.49
CA GLN D 139 -4.77 33.27 20.55
C GLN D 139 -5.31 32.08 19.77
N LYS D 140 -5.13 30.89 20.33
CA LYS D 140 -5.66 29.67 19.75
C LYS D 140 -6.49 28.92 20.79
N ALA D 141 -7.37 28.04 20.31
CA ALA D 141 -8.30 27.34 21.19
C ALA D 141 -8.39 25.85 20.85
N THR D 142 -7.98 25.02 21.80
CA THR D 142 -7.96 23.57 21.59
C THR D 142 -9.11 22.87 22.31
N LEU D 143 -9.99 22.25 21.54
CA LEU D 143 -11.02 21.39 22.11
C LEU D 143 -10.46 19.98 22.21
N VAL D 144 -10.82 19.28 23.28
CA VAL D 144 -10.42 17.89 23.43
C VAL D 144 -11.62 16.97 23.58
N CYS D 145 -11.63 15.90 22.78
CA CYS D 145 -12.69 14.91 22.88
C CYS D 145 -12.19 13.62 23.50
N LEU D 146 -12.96 13.07 24.44
CA LEU D 146 -12.59 11.81 25.07
C LEU D 146 -13.65 10.75 24.86
N ALA D 147 -13.28 9.67 24.17
CA ALA D 147 -14.13 8.50 24.05
C ALA D 147 -13.58 7.42 24.99
N THR D 148 -14.39 6.99 25.95
CA THR D 148 -13.90 6.10 27.00
C THR D 148 -14.76 4.87 27.22
N GLY D 149 -14.14 3.83 27.79
CA GLY D 149 -14.84 2.63 28.19
C GLY D 149 -15.48 1.83 27.07
N PHE D 150 -14.88 1.83 25.90
CA PHE D 150 -15.45 1.08 24.78
C PHE D 150 -14.73 -0.24 24.50
N TYR D 151 -15.48 -1.20 24.00
CA TYR D 151 -14.95 -2.49 23.58
C TYR D 151 -15.95 -3.11 22.61
N PRO D 152 -15.45 -3.66 21.49
CA PRO D 152 -14.03 -3.83 21.16
C PRO D 152 -13.36 -2.53 20.73
N ASP D 153 -12.06 -2.60 20.45
CA ASP D 153 -11.32 -1.47 19.91
C ASP D 153 -11.67 -1.28 18.44
N HIS D 154 -12.85 -0.72 18.20
CA HIS D 154 -13.36 -0.55 16.85
C HIS D 154 -14.24 0.69 16.76
N VAL D 155 -13.59 1.85 16.78
CA VAL D 155 -14.31 3.11 16.71
C VAL D 155 -13.70 4.02 15.64
N GLU D 156 -14.46 5.02 15.24
CA GLU D 156 -13.97 6.04 14.32
C GLU D 156 -14.41 7.42 14.81
N LEU D 157 -13.44 8.24 15.18
CA LEU D 157 -13.73 9.56 15.74
C LEU D 157 -13.59 10.64 14.67
N SER D 158 -14.54 11.56 14.63
CA SER D 158 -14.51 12.67 13.68
C SER D 158 -15.02 13.95 14.32
N TRP D 159 -14.52 15.09 13.84
CA TRP D 159 -14.96 16.39 14.34
C TRP D 159 -15.91 17.05 13.35
N TRP D 160 -16.94 17.70 13.88
CA TRP D 160 -17.91 18.40 13.04
C TRP D 160 -18.10 19.84 13.50
N VAL D 161 -17.83 20.77 12.59
CA VAL D 161 -17.98 22.19 12.88
C VAL D 161 -19.10 22.80 12.06
N ASN D 162 -20.11 23.32 12.75
CA ASN D 162 -21.29 23.85 12.09
C ASN D 162 -21.95 22.84 11.14
N GLY D 163 -21.94 21.57 11.55
CA GLY D 163 -22.64 20.54 10.81
C GLY D 163 -21.84 19.90 9.68
N LYS D 164 -20.58 20.28 9.53
CA LYS D 164 -19.74 19.70 8.48
C LYS D 164 -18.43 19.16 9.05
N GLU D 165 -18.04 17.98 8.60
CA GLU D 165 -16.81 17.34 9.08
C GLU D 165 -15.58 18.13 8.67
N VAL D 166 -14.66 18.30 9.61
CA VAL D 166 -13.41 19.00 9.33
C VAL D 166 -12.22 18.11 9.64
N HIS D 167 -11.08 18.43 9.03
CA HIS D 167 -9.86 17.64 9.24
C HIS D 167 -8.71 18.55 9.64
N SER D 168 -8.78 19.80 9.22
CA SER D 168 -7.74 20.78 9.56
C SER D 168 -7.77 21.11 11.05
N GLY D 169 -6.59 21.19 11.66
CA GLY D 169 -6.48 21.49 13.08
C GLY D 169 -6.80 20.31 13.97
N VAL D 170 -6.90 19.13 13.37
CA VAL D 170 -7.32 17.93 14.10
C VAL D 170 -6.18 16.92 14.25
N CYS D 171 -6.08 16.34 15.44
CA CYS D 171 -5.21 15.19 15.65
C CYS D 171 -5.83 14.19 16.61
N THR D 172 -5.96 12.95 16.15
CA THR D 172 -6.56 11.88 16.95
C THR D 172 -5.53 10.81 17.22
N ASP D 173 -5.50 10.32 18.46
CA ASP D 173 -4.58 9.26 18.83
C ASP D 173 -4.65 8.12 17.81
N PRO D 174 -3.48 7.69 17.30
CA PRO D 174 -3.43 6.56 16.38
C PRO D 174 -3.88 5.28 17.07
N GLN D 175 -3.50 5.15 18.35
CA GLN D 175 -3.85 3.98 19.14
C GLN D 175 -4.58 4.40 20.40
N PRO D 176 -5.58 3.60 20.80
CA PRO D 176 -6.30 3.87 22.05
C PRO D 176 -5.57 3.28 23.24
N LEU D 177 -5.82 3.81 24.43
CA LEU D 177 -5.24 3.26 25.65
C LEU D 177 -6.12 2.13 26.15
N LYS D 178 -5.50 1.10 26.71
CA LYS D 178 -6.22 0.10 27.48
C LYS D 178 -6.49 0.69 28.86
N GLU D 179 -7.76 0.77 29.23
CA GLU D 179 -8.13 1.34 30.52
C GLU D 179 -7.67 0.44 31.66
N GLN D 180 -7.69 -0.87 31.42
CA GLN D 180 -7.19 -1.84 32.38
C GLN D 180 -6.13 -2.72 31.70
N PRO D 181 -4.92 -2.17 31.52
CA PRO D 181 -3.86 -2.79 30.73
C PRO D 181 -3.54 -4.23 31.10
N ALA D 182 -3.92 -4.66 32.30
CA ALA D 182 -3.60 -6.00 32.77
C ALA D 182 -4.69 -7.02 32.39
N LEU D 183 -5.84 -6.52 31.99
CA LEU D 183 -6.96 -7.37 31.63
C LEU D 183 -7.01 -7.63 30.12
N ASN D 184 -7.36 -8.86 29.74
CA ASN D 184 -7.47 -9.21 28.34
C ASN D 184 -8.71 -8.61 27.68
N ASP D 185 -9.79 -8.51 28.46
CA ASP D 185 -11.03 -7.93 27.97
C ASP D 185 -11.11 -6.44 28.35
N SER D 186 -9.96 -5.82 28.53
CA SER D 186 -9.88 -4.41 28.91
C SER D 186 -10.63 -3.52 27.93
N ARG D 187 -11.38 -2.57 28.46
CA ARG D 187 -12.03 -1.57 27.61
C ARG D 187 -11.02 -0.52 27.19
N TYR D 188 -11.39 0.32 26.22
CA TYR D 188 -10.45 1.26 25.64
C TYR D 188 -10.85 2.72 25.81
N ALA D 189 -9.86 3.59 25.65
CA ALA D 189 -10.09 5.03 25.67
C ALA D 189 -9.34 5.68 24.52
N LEU D 190 -9.89 6.79 24.02
CA LEU D 190 -9.30 7.48 22.88
C LEU D 190 -9.49 8.98 23.00
N SER D 191 -8.47 9.75 22.65
CA SER D 191 -8.55 11.20 22.72
C SER D 191 -8.29 11.84 21.37
N SER D 192 -8.80 13.06 21.20
CA SER D 192 -8.60 13.80 19.97
C SER D 192 -8.62 15.29 20.27
N ARG D 193 -7.93 16.07 19.47
CA ARG D 193 -7.94 17.51 19.59
C ARG D 193 -8.39 18.20 18.34
N LEU D 194 -9.13 19.28 18.50
CA LEU D 194 -9.46 20.18 17.42
C LEU D 194 -9.03 21.58 17.83
N ARG D 195 -8.05 22.13 17.12
CA ARG D 195 -7.55 23.45 17.46
C ARG D 195 -7.97 24.49 16.44
N VAL D 196 -8.58 25.57 16.93
CA VAL D 196 -9.01 26.67 16.09
C VAL D 196 -8.48 27.97 16.67
N SER D 197 -8.58 29.05 15.90
CA SER D 197 -8.18 30.37 16.39
C SER D 197 -9.12 30.78 17.51
N ALA D 198 -8.63 31.62 18.42
CA ALA D 198 -9.42 32.03 19.58
C ALA D 198 -10.70 32.74 19.15
N THR D 199 -10.61 33.54 18.10
CA THR D 199 -11.76 34.32 17.63
C THR D 199 -12.86 33.44 17.02
N PHE D 200 -12.48 32.29 16.49
CA PHE D 200 -13.48 31.36 15.95
C PHE D 200 -14.24 30.69 17.09
N TRP D 201 -13.51 30.23 18.10
CA TRP D 201 -14.12 29.56 19.24
C TRP D 201 -15.04 30.49 20.04
N GLN D 202 -14.64 31.75 20.16
CA GLN D 202 -15.36 32.69 21.00
C GLN D 202 -16.64 33.22 20.34
N ASN D 203 -16.83 32.89 19.08
CA ASN D 203 -18.07 33.20 18.38
C ASN D 203 -19.15 32.17 18.73
N PRO D 204 -20.12 32.56 19.56
CA PRO D 204 -21.14 31.63 20.07
C PRO D 204 -22.04 31.06 18.98
N ARG D 205 -21.96 31.60 17.78
CA ARG D 205 -22.71 31.06 16.68
C ARG D 205 -22.11 29.78 16.13
N ASN D 206 -20.87 29.53 16.47
CA ASN D 206 -20.17 28.33 16.01
C ASN D 206 -20.52 27.10 16.84
N HIS D 207 -20.83 26.00 16.16
CA HIS D 207 -21.19 24.77 16.83
C HIS D 207 -20.11 23.70 16.64
N PHE D 208 -19.68 23.11 17.75
CA PHE D 208 -18.62 22.09 17.71
C PHE D 208 -19.16 20.76 18.19
N ARG D 209 -18.74 19.68 17.52
CA ARG D 209 -19.25 18.35 17.85
C ARG D 209 -18.22 17.26 17.59
N CYS D 210 -17.98 16.43 18.60
CA CYS D 210 -17.15 15.26 18.44
C CYS D 210 -18.03 14.03 18.25
N GLN D 211 -17.84 13.33 17.13
CA GLN D 211 -18.63 12.16 16.81
C GLN D 211 -17.80 10.88 16.83
N VAL D 212 -18.30 9.85 17.50
CA VAL D 212 -17.61 8.57 17.56
C VAL D 212 -18.49 7.44 17.06
N GLN D 213 -18.16 6.92 15.88
CA GLN D 213 -18.84 5.75 15.35
C GLN D 213 -18.29 4.50 16.01
N PHE D 214 -19.17 3.77 16.69
CA PHE D 214 -18.79 2.54 17.37
C PHE D 214 -19.31 1.34 16.62
N TYR D 215 -18.47 0.33 16.45
CA TYR D 215 -18.88 -0.89 15.80
C TYR D 215 -18.97 -2.03 16.81
N GLY D 216 -20.18 -2.54 17.02
CA GLY D 216 -20.41 -3.56 18.02
C GLY D 216 -21.39 -4.61 17.53
N LEU D 217 -22.45 -4.83 18.31
CA LEU D 217 -23.43 -5.85 17.99
C LEU D 217 -24.33 -5.42 16.83
N SER D 218 -24.85 -6.40 16.10
CA SER D 218 -25.78 -6.13 15.02
C SER D 218 -27.21 -6.36 15.51
N GLU D 219 -28.19 -6.07 14.65
CA GLU D 219 -29.58 -6.30 14.98
C GLU D 219 -29.83 -7.79 15.19
N ASN D 220 -28.99 -8.62 14.57
CA ASN D 220 -29.19 -10.07 14.59
C ASN D 220 -28.70 -10.74 15.88
N ASP D 221 -27.72 -10.11 16.53
CA ASP D 221 -27.18 -10.64 17.78
C ASP D 221 -28.21 -10.63 18.89
N GLU D 222 -28.38 -11.76 19.57
CA GLU D 222 -29.28 -11.83 20.71
C GLU D 222 -28.60 -11.27 21.95
N TRP D 223 -29.37 -10.56 22.77
CA TRP D 223 -28.83 -9.91 23.95
C TRP D 223 -29.66 -10.25 25.19
N THR D 224 -28.99 -10.75 26.23
CA THR D 224 -29.67 -11.23 27.43
C THR D 224 -29.57 -10.27 28.62
N GLN D 225 -28.39 -9.71 28.82
CA GLN D 225 -28.12 -8.81 29.95
C GLN D 225 -29.14 -7.66 30.04
N ASP D 226 -29.22 -7.07 31.24
CA ASP D 226 -30.17 -6.00 31.52
C ASP D 226 -29.80 -4.68 30.86
N ARG D 227 -28.52 -4.34 30.86
CA ARG D 227 -28.06 -3.09 30.29
C ARG D 227 -28.41 -3.01 28.80
N ALA D 228 -28.44 -1.80 28.27
CA ALA D 228 -28.76 -1.60 26.86
C ALA D 228 -27.83 -2.39 25.96
N LYS D 229 -28.40 -3.01 24.94
CA LYS D 229 -27.63 -3.77 23.96
C LYS D 229 -26.59 -2.86 23.31
N PRO D 230 -25.30 -3.22 23.43
CA PRO D 230 -24.23 -2.40 22.87
C PRO D 230 -24.13 -2.57 21.35
N VAL D 231 -25.16 -2.13 20.63
CA VAL D 231 -25.17 -2.24 19.18
C VAL D 231 -24.23 -1.23 18.53
N THR D 232 -23.91 -1.48 17.26
CA THR D 232 -23.21 -0.50 16.46
C THR D 232 -24.00 0.79 16.51
N GLN D 233 -23.33 1.91 16.77
CA GLN D 233 -24.03 3.16 17.00
C GLN D 233 -23.06 4.34 16.98
N ILE D 234 -23.62 5.54 16.85
CA ILE D 234 -22.83 6.75 16.95
C ILE D 234 -23.09 7.42 18.30
N VAL D 235 -22.01 7.72 19.02
CA VAL D 235 -22.10 8.48 20.25
C VAL D 235 -21.29 9.76 20.08
N SER D 236 -21.88 10.89 20.47
CA SER D 236 -21.22 12.17 20.27
C SER D 236 -21.44 13.15 21.41
N ALA D 237 -20.58 14.16 21.48
CA ALA D 237 -20.71 15.23 22.46
C ALA D 237 -20.53 16.57 21.75
N GLU D 238 -21.25 17.59 22.19
CA GLU D 238 -21.23 18.88 21.50
C GLU D 238 -20.96 20.06 22.42
N ALA D 239 -20.58 21.19 21.81
CA ALA D 239 -20.42 22.45 22.51
C ALA D 239 -20.58 23.61 21.55
N TRP D 240 -21.21 24.68 22.01
CA TRP D 240 -21.32 25.90 21.22
C TRP D 240 -20.16 26.82 21.57
N GLY D 241 -19.74 27.65 20.62
CA GLY D 241 -18.65 28.58 20.83
C GLY D 241 -18.90 29.50 22.01
N ARG D 242 -17.83 29.82 22.74
CA ARG D 242 -17.93 30.70 23.90
C ARG D 242 -17.12 31.97 23.69
N ALA D 243 -17.75 33.12 23.95
CA ALA D 243 -17.09 34.41 23.79
C ALA D 243 -16.41 34.83 25.10
#